data_7B4D
#
_entry.id   7B4D
#
_cell.length_a   137.587
_cell.length_b   50.164
_cell.length_c   34.231
_cell.angle_alpha   90.000
_cell.angle_beta   92.598
_cell.angle_gamma   90.000
#
_symmetry.space_group_name_H-M   'C 1 2 1'
#
loop_
_entity.id
_entity.type
_entity.pdbx_description
1 polymer 'Cellular tumor antigen p53'
2 polymer 'DNA target'
3 non-polymer 'ZINC ION'
4 non-polymer (2~{S})-2-methyl-1-azabicyclo[2.2.2]octan-3-one
5 non-polymer (2~{R})-2-methyl-1-azabicyclo[2.2.2]octan-3-one
6 non-polymer 'FORMIC ACID'
7 water water
#
loop_
_entity_poly.entity_id
_entity_poly.type
_entity_poly.pdbx_seq_one_letter_code
_entity_poly.pdbx_strand_id
1 'polypeptide(L)'
;SSSVPSQKTYQGSYGFRLGFLHSGTAKSVTCTYSPALNKMFCQLAKTCPVQLWVDSTPPPGTRVRAMAIYKQSQHMTEVV
RRCPHHERCSDSDGLAPPQHLIRVEGNLRVEYLDDRNTFRHSVVVPYEPPEVGSDCTTIHYNYMCNRSCMGGMNRRPILT
IITLEDSSGNLLGRNSFEVCVCACPGRDRRTEEENLRKKG
;
A
2 'polydeoxyribonucleotide' (DC)(DG)(DG)(DG)(DC)(DA)(DT)(DG)(DC)(DC)(DC)(DG) C
#
loop_
_chem_comp.id
_chem_comp.type
_chem_comp.name
_chem_comp.formula
DA DNA linking 2'-DEOXYADENOSINE-5'-MONOPHOSPHATE 'C10 H14 N5 O6 P'
DC DNA linking 2'-DEOXYCYTIDINE-5'-MONOPHOSPHATE 'C9 H14 N3 O7 P'
DG DNA linking 2'-DEOXYGUANOSINE-5'-MONOPHOSPHATE 'C10 H14 N5 O7 P'
DT DNA linking THYMIDINE-5'-MONOPHOSPHATE 'C10 H15 N2 O8 P'
FMT non-polymer 'FORMIC ACID' 'C H2 O2'
QN8 non-polymer (2~{R})-2-methyl-1-azabicyclo[2.2.2]octan-3-one 'C8 H13 N O'
QNN non-polymer (2~{S})-2-methyl-1-azabicyclo[2.2.2]octan-3-one 'C8 H13 N O'
ZN non-polymer 'ZINC ION' 'Zn 2'
#
# COMPACT_ATOMS: atom_id res chain seq x y z
N SER A 1 -22.38 2.21 -7.94
CA SER A 1 -22.59 3.65 -8.09
C SER A 1 -21.58 4.46 -7.29
N SER A 2 -21.02 3.86 -6.22
CA SER A 2 -20.03 4.55 -5.42
C SER A 2 -18.72 4.71 -6.20
N SER A 3 -18.10 5.88 -6.07
CA SER A 3 -16.75 6.09 -6.56
C SER A 3 -15.69 5.87 -5.50
N VAL A 4 -16.11 5.45 -4.27
CA VAL A 4 -15.19 5.20 -3.18
C VAL A 4 -15.02 3.67 -3.07
N PRO A 5 -13.84 3.12 -3.32
CA PRO A 5 -13.67 1.67 -3.22
C PRO A 5 -13.79 1.20 -1.79
N SER A 6 -14.16 -0.06 -1.65
CA SER A 6 -14.28 -0.65 -0.33
C SER A 6 -12.91 -0.76 0.33
N GLN A 7 -12.88 -0.52 1.63
CA GLN A 7 -11.71 -0.79 2.45
C GLN A 7 -11.96 -1.94 3.42
N LYS A 8 -13.13 -2.57 3.35
CA LYS A 8 -13.48 -3.60 4.31
C LYS A 8 -12.60 -4.82 4.11
N THR A 9 -11.95 -5.24 5.21
CA THR A 9 -11.15 -6.45 5.19
C THR A 9 -12.00 -7.64 4.76
N TYR A 10 -11.48 -8.40 3.79
CA TYR A 10 -12.18 -9.59 3.27
C TYR A 10 -11.09 -10.64 3.02
N GLN A 11 -10.88 -11.50 4.01
N GLN A 11 -10.88 -11.50 4.01
CA GLN A 11 -9.88 -12.56 3.86
CA GLN A 11 -9.88 -12.56 3.86
C GLN A 11 -10.24 -13.50 2.72
C GLN A 11 -10.23 -13.49 2.71
N GLY A 12 -11.52 -13.78 2.53
CA GLY A 12 -11.97 -14.58 1.40
C GLY A 12 -11.62 -16.05 1.53
N SER A 13 -11.95 -16.80 0.47
CA SER A 13 -11.82 -18.25 0.50
C SER A 13 -10.38 -18.72 0.44
N TYR A 14 -9.44 -17.85 0.10
CA TYR A 14 -8.04 -18.24 0.01
C TYR A 14 -7.25 -17.82 1.25
N GLY A 15 -7.89 -17.23 2.25
CA GLY A 15 -7.24 -16.86 3.49
C GLY A 15 -6.19 -15.78 3.34
N PHE A 16 -6.55 -14.69 2.64
CA PHE A 16 -5.60 -13.66 2.25
C PHE A 16 -5.32 -12.71 3.40
N ARG A 17 -4.03 -12.56 3.75
CA ARG A 17 -3.59 -11.69 4.83
C ARG A 17 -2.33 -10.97 4.37
N LEU A 18 -2.07 -9.81 4.98
CA LEU A 18 -0.81 -9.11 4.73
C LEU A 18 0.16 -9.35 5.88
N GLY A 19 1.45 -9.21 5.58
CA GLY A 19 2.47 -9.32 6.59
C GLY A 19 3.57 -8.30 6.35
N PHE A 20 4.27 -7.97 7.43
CA PHE A 20 5.27 -6.91 7.38
C PHE A 20 6.48 -7.30 8.20
N LEU A 21 7.66 -6.98 7.67
CA LEU A 21 8.90 -7.29 8.36
C LEU A 21 8.98 -6.57 9.69
N HIS A 22 9.56 -7.23 10.67
N HIS A 22 9.66 -7.19 10.63
CA HIS A 22 9.76 -6.63 11.99
CA HIS A 22 9.84 -6.63 11.95
C HIS A 22 10.94 -5.67 11.90
C HIS A 22 10.99 -5.64 11.87
N SER A 23 10.65 -4.37 11.99
CA SER A 23 11.66 -3.34 12.13
C SER A 23 11.56 -2.79 13.54
N GLY A 24 12.54 -1.98 13.91
CA GLY A 24 12.54 -1.31 15.18
C GLY A 24 11.93 0.07 15.09
N THR A 25 12.20 0.88 16.10
CA THR A 25 11.74 2.26 16.13
C THR A 25 12.90 3.24 16.20
N ALA A 26 14.06 2.84 15.67
CA ALA A 26 15.21 3.73 15.59
C ALA A 26 14.88 4.95 14.73
N LYS A 27 15.33 6.13 15.19
CA LYS A 27 14.88 7.37 14.57
C LYS A 27 15.18 7.44 13.07
N SER A 28 16.18 6.70 12.58
CA SER A 28 16.61 6.80 11.19
C SER A 28 16.19 5.61 10.32
N VAL A 29 15.32 4.73 10.80
CA VAL A 29 14.93 3.58 9.99
C VAL A 29 14.13 4.05 8.78
N THR A 30 14.30 3.37 7.64
CA THR A 30 13.61 3.78 6.42
C THR A 30 12.14 3.39 6.41
N CYS A 31 11.74 2.39 7.19
N CYS A 31 11.74 2.36 7.16
CA CYS A 31 10.33 2.04 7.31
CA CYS A 31 10.33 2.07 7.33
C CYS A 31 10.14 1.17 8.54
C CYS A 31 10.15 1.21 8.57
N THR A 32 8.94 1.26 9.13
CA THR A 32 8.61 0.46 10.30
C THR A 32 7.10 0.33 10.40
N TYR A 33 6.63 -0.86 10.74
CA TYR A 33 5.22 -1.19 10.76
C TYR A 33 4.74 -1.33 12.20
N SER A 34 3.61 -0.69 12.52
CA SER A 34 3.04 -0.81 13.85
C SER A 34 1.85 -1.75 13.82
N PRO A 35 1.96 -2.96 14.36
CA PRO A 35 0.77 -3.82 14.42
C PRO A 35 -0.35 -3.23 15.27
N ALA A 36 -0.02 -2.54 16.37
CA ALA A 36 -1.05 -1.95 17.21
C ALA A 36 -1.91 -0.94 16.43
N LEU A 37 -1.29 -0.18 15.52
CA LEU A 37 -1.99 0.83 14.74
C LEU A 37 -2.38 0.36 13.36
N ASN A 38 -2.01 -0.86 12.97
CA ASN A 38 -2.06 -1.36 11.59
C ASN A 38 -1.61 -0.28 10.61
N LYS A 39 -0.37 0.17 10.81
CA LYS A 39 0.14 1.36 10.14
C LYS A 39 1.60 1.21 9.79
N MET A 40 1.92 1.43 8.52
CA MET A 40 3.27 1.49 8.01
C MET A 40 3.75 2.94 8.03
N PHE A 41 4.93 3.16 8.61
CA PHE A 41 5.63 4.44 8.53
C PHE A 41 6.83 4.24 7.63
N CYS A 42 6.96 5.05 6.57
CA CYS A 42 8.05 4.82 5.64
C CYS A 42 8.51 6.15 5.05
N GLN A 43 9.66 6.11 4.38
CA GLN A 43 10.23 7.30 3.79
C GLN A 43 9.88 7.41 2.31
N LEU A 44 9.87 8.64 1.82
CA LEU A 44 9.60 8.94 0.42
C LEU A 44 10.50 8.15 -0.52
N ALA A 45 9.90 7.51 -1.51
CA ALA A 45 10.57 6.84 -2.63
C ALA A 45 11.45 5.65 -2.21
N LYS A 46 11.39 5.22 -0.97
CA LYS A 46 12.19 4.06 -0.55
C LYS A 46 11.30 2.83 -0.42
N THR A 47 11.95 1.66 -0.56
CA THR A 47 11.26 0.38 -0.55
C THR A 47 10.34 0.20 0.69
N CYS A 48 9.13 -0.19 0.41
N CYS A 48 9.16 -0.26 0.44
CA CYS A 48 8.18 -0.60 1.46
CA CYS A 48 8.23 -0.59 1.52
C CYS A 48 7.78 -2.03 1.13
C CYS A 48 7.73 -2.00 1.22
N PRO A 49 8.40 -3.04 1.74
CA PRO A 49 8.01 -4.42 1.44
C PRO A 49 6.69 -4.78 2.11
N VAL A 50 5.81 -5.41 1.34
CA VAL A 50 4.55 -5.94 1.84
C VAL A 50 4.50 -7.43 1.52
N GLN A 51 4.21 -8.26 2.53
CA GLN A 51 4.09 -9.70 2.34
C GLN A 51 2.65 -10.08 2.07
N LEU A 52 2.46 -10.98 1.10
CA LEU A 52 1.16 -11.56 0.80
C LEU A 52 1.13 -12.98 1.34
N TRP A 53 0.16 -13.27 2.22
CA TRP A 53 -0.03 -14.60 2.78
C TRP A 53 -1.38 -15.15 2.33
N VAL A 54 -1.41 -16.42 1.93
CA VAL A 54 -2.66 -17.11 1.60
C VAL A 54 -2.64 -18.50 2.23
N ASP A 55 -3.82 -18.98 2.62
CA ASP A 55 -3.96 -20.35 3.10
C ASP A 55 -4.07 -21.34 1.95
N SER A 56 -4.68 -20.91 0.84
CA SER A 56 -4.86 -21.73 -0.35
C SER A 56 -4.38 -20.96 -1.56
N THR A 57 -3.84 -21.68 -2.54
CA THR A 57 -3.19 -21.03 -3.69
C THR A 57 -4.24 -20.50 -4.66
N PRO A 58 -4.20 -19.21 -4.99
CA PRO A 58 -5.17 -18.66 -5.95
C PRO A 58 -4.95 -19.23 -7.34
N PRO A 59 -5.95 -19.12 -8.21
N PRO A 59 -5.97 -19.17 -8.20
CA PRO A 59 -5.85 -19.71 -9.55
CA PRO A 59 -5.85 -19.76 -9.54
C PRO A 59 -4.84 -18.98 -10.39
C PRO A 59 -4.83 -19.00 -10.39
N PRO A 60 -4.36 -19.60 -11.48
CA PRO A 60 -3.46 -18.89 -12.39
C PRO A 60 -4.10 -17.62 -12.90
N GLY A 61 -3.27 -16.62 -13.16
CA GLY A 61 -3.77 -15.35 -13.65
C GLY A 61 -4.33 -14.44 -12.59
N THR A 62 -4.13 -14.75 -11.32
CA THR A 62 -4.52 -13.84 -10.25
C THR A 62 -3.59 -12.63 -10.25
N ARG A 63 -4.15 -11.48 -9.91
CA ARG A 63 -3.47 -10.19 -9.93
C ARG A 63 -3.56 -9.56 -8.54
N VAL A 64 -2.59 -8.71 -8.23
CA VAL A 64 -2.49 -8.02 -6.94
C VAL A 64 -2.53 -6.53 -7.22
N ARG A 65 -3.55 -5.85 -6.72
CA ARG A 65 -3.73 -4.42 -6.98
C ARG A 65 -3.52 -3.64 -5.68
N ALA A 66 -2.88 -2.48 -5.79
CA ALA A 66 -2.73 -1.55 -4.68
C ALA A 66 -3.30 -0.20 -5.06
N MET A 67 -4.00 0.41 -4.12
CA MET A 67 -4.65 1.71 -4.33
C MET A 67 -4.69 2.44 -3.00
N ALA A 68 -4.46 3.75 -3.03
CA ALA A 68 -4.55 4.57 -1.84
C ALA A 68 -5.88 5.32 -1.80
N ILE A 69 -6.45 5.44 -0.60
CA ILE A 69 -7.62 6.29 -0.37
C ILE A 69 -7.39 7.11 0.88
N TYR A 70 -8.04 8.27 0.94
CA TYR A 70 -7.97 9.07 2.17
C TYR A 70 -8.75 8.39 3.28
N LYS A 71 -8.16 8.38 4.48
CA LYS A 71 -8.73 7.60 5.57
C LYS A 71 -9.89 8.34 6.23
N GLN A 72 -9.82 9.66 6.34
CA GLN A 72 -10.87 10.43 7.01
C GLN A 72 -12.12 10.53 6.15
N SER A 73 -13.29 10.49 6.80
CA SER A 73 -14.57 10.58 6.10
C SER A 73 -14.64 11.79 5.19
N GLN A 74 -14.17 12.95 5.66
CA GLN A 74 -14.36 14.17 4.90
C GLN A 74 -13.52 14.23 3.63
N HIS A 75 -12.51 13.37 3.49
CA HIS A 75 -11.65 13.38 2.31
C HIS A 75 -11.75 12.10 1.48
N MET A 76 -12.59 11.15 1.89
CA MET A 76 -12.61 9.83 1.25
C MET A 76 -12.95 9.91 -0.24
N THR A 77 -13.80 10.86 -0.64
CA THR A 77 -14.22 10.92 -2.03
C THR A 77 -13.20 11.60 -2.94
N GLU A 78 -12.13 12.17 -2.40
CA GLU A 78 -11.11 12.81 -3.22
C GLU A 78 -10.04 11.80 -3.62
N VAL A 79 -9.62 11.84 -4.89
CA VAL A 79 -8.63 10.89 -5.38
C VAL A 79 -7.26 11.24 -4.84
N VAL A 80 -6.52 10.22 -4.39
CA VAL A 80 -5.17 10.40 -3.87
C VAL A 80 -4.19 10.49 -5.04
N ARG A 81 -3.44 11.59 -5.11
CA ARG A 81 -2.59 11.91 -6.24
C ARG A 81 -1.22 12.40 -5.78
N ARG A 82 -0.24 12.28 -6.67
CA ARG A 82 1.07 12.87 -6.46
C ARG A 82 0.97 14.39 -6.45
N CYS A 83 1.81 15.03 -5.65
CA CYS A 83 1.80 16.48 -5.56
C CYS A 83 2.46 17.10 -6.78
N PRO A 84 2.14 18.35 -7.11
CA PRO A 84 2.70 18.95 -8.34
C PRO A 84 4.21 19.01 -8.36
N HIS A 85 4.86 19.19 -7.22
CA HIS A 85 6.32 19.24 -7.21
C HIS A 85 6.92 17.90 -7.63
N HIS A 86 6.58 16.81 -6.92
CA HIS A 86 7.18 15.52 -7.22
C HIS A 86 6.72 14.96 -8.53
N GLU A 87 5.60 15.47 -9.01
CA GLU A 87 5.10 15.08 -10.31
C GLU A 87 5.99 15.64 -11.41
N ARG A 88 6.55 16.82 -11.19
CA ARG A 88 7.37 17.51 -12.19
C ARG A 88 8.79 17.02 -12.18
N CYS A 89 9.19 16.32 -11.11
N CYS A 89 9.28 16.71 -10.98
CA CYS A 89 10.49 15.69 -11.01
CA CYS A 89 10.63 16.24 -10.78
C CYS A 89 10.63 14.50 -11.95
C CYS A 89 10.83 15.00 -11.63
N ASP A 93 11.60 6.63 -13.99
CA ASP A 93 10.91 5.35 -13.98
C ASP A 93 10.44 4.96 -15.37
N GLY A 94 9.66 5.84 -15.99
CA GLY A 94 9.18 5.60 -17.34
C GLY A 94 7.87 4.83 -17.45
N LEU A 95 7.71 3.75 -16.68
CA LEU A 95 6.47 2.98 -16.76
C LEU A 95 5.37 3.64 -15.94
N ALA A 96 5.75 4.19 -14.79
CA ALA A 96 4.79 4.79 -13.88
C ALA A 96 4.47 6.21 -14.30
N PRO A 97 3.20 6.55 -14.55
CA PRO A 97 2.87 7.93 -14.85
C PRO A 97 3.17 8.82 -13.67
N PRO A 98 3.56 10.07 -13.90
CA PRO A 98 4.03 10.92 -12.80
C PRO A 98 2.95 11.24 -11.77
N GLN A 99 1.68 11.08 -12.12
CA GLN A 99 0.62 11.40 -11.17
C GLN A 99 0.40 10.33 -10.11
N HIS A 100 0.93 9.12 -10.29
CA HIS A 100 0.65 8.02 -9.37
C HIS A 100 1.50 8.09 -8.11
N LEU A 101 0.84 7.98 -6.95
CA LEU A 101 1.54 7.94 -5.67
C LEU A 101 2.31 6.64 -5.48
N ILE A 102 1.67 5.50 -5.76
CA ILE A 102 2.22 4.18 -5.42
C ILE A 102 2.83 3.55 -6.66
N ARG A 103 4.09 3.12 -6.55
CA ARG A 103 4.77 2.38 -7.59
C ARG A 103 5.14 1.00 -7.07
N VAL A 104 5.42 0.09 -8.00
CA VAL A 104 6.05 -1.20 -7.67
C VAL A 104 7.41 -1.25 -8.35
N GLU A 105 8.44 -1.55 -7.59
CA GLU A 105 9.76 -1.77 -8.17
C GLU A 105 10.05 -3.26 -8.26
N GLY A 106 10.97 -3.60 -9.16
CA GLY A 106 11.45 -4.96 -9.27
C GLY A 106 10.52 -5.94 -9.95
N ASN A 107 9.59 -5.46 -10.77
CA ASN A 107 8.62 -6.34 -11.41
C ASN A 107 8.44 -5.94 -12.86
N LEU A 108 8.75 -6.87 -13.77
CA LEU A 108 8.68 -6.62 -15.20
C LEU A 108 7.27 -6.65 -15.76
N ARG A 109 6.26 -6.91 -14.92
N ARG A 109 6.25 -6.90 -14.93
CA ARG A 109 4.88 -7.05 -15.37
CA ARG A 109 4.88 -7.03 -15.41
C ARG A 109 3.96 -6.09 -14.63
C ARG A 109 3.94 -6.02 -14.78
N VAL A 110 4.47 -4.94 -14.22
CA VAL A 110 3.65 -3.96 -13.53
C VAL A 110 2.76 -3.22 -14.52
N GLU A 111 1.52 -2.96 -14.12
N GLU A 111 1.52 -2.97 -14.12
CA GLU A 111 0.56 -2.22 -14.92
CA GLU A 111 0.58 -2.19 -14.92
C GLU A 111 0.04 -1.08 -14.06
C GLU A 111 0.02 -1.07 -14.06
N TYR A 112 -0.09 0.11 -14.64
CA TYR A 112 -0.60 1.29 -13.95
C TYR A 112 -1.94 1.67 -14.55
N LEU A 113 -2.98 1.75 -13.71
N LEU A 113 -2.96 1.80 -13.71
CA LEU A 113 -4.34 2.03 -14.15
CA LEU A 113 -4.31 2.04 -14.19
C LEU A 113 -4.84 3.37 -13.64
C LEU A 113 -4.89 3.33 -13.64
N ASP A 114 -5.53 4.10 -14.52
CA ASP A 114 -6.32 5.29 -14.18
C ASP A 114 -7.77 4.96 -14.50
N ASP A 115 -8.59 4.76 -13.47
CA ASP A 115 -9.96 4.29 -13.69
C ASP A 115 -10.77 5.31 -14.49
N ARG A 116 -11.45 4.83 -15.55
CA ARG A 116 -12.16 5.74 -16.43
C ARG A 116 -13.40 6.35 -15.78
N ASN A 117 -13.99 5.72 -14.77
CA ASN A 117 -15.18 6.25 -14.13
C ASN A 117 -14.88 6.97 -12.81
N THR A 118 -14.05 6.38 -11.96
CA THR A 118 -13.72 6.95 -10.66
C THR A 118 -12.46 7.80 -10.68
N PHE A 119 -11.66 7.72 -11.74
CA PHE A 119 -10.39 8.45 -11.89
C PHE A 119 -9.34 8.04 -10.89
N ARG A 120 -9.56 6.96 -10.13
CA ARG A 120 -8.61 6.54 -9.13
C ARG A 120 -7.44 5.79 -9.77
N HIS A 121 -6.27 5.94 -9.16
CA HIS A 121 -5.04 5.32 -9.62
C HIS A 121 -4.82 4.01 -8.90
N SER A 122 -4.31 3.02 -9.62
CA SER A 122 -3.86 1.81 -8.94
C SER A 122 -2.68 1.23 -9.71
N VAL A 123 -1.95 0.33 -9.05
CA VAL A 123 -0.82 -0.36 -9.66
C VAL A 123 -1.02 -1.85 -9.42
N VAL A 124 -0.86 -2.66 -10.46
N VAL A 124 -0.81 -2.64 -10.47
CA VAL A 124 -1.22 -4.08 -10.36
CA VAL A 124 -1.16 -4.06 -10.47
C VAL A 124 -0.10 -4.95 -10.93
C VAL A 124 0.06 -4.88 -10.88
N VAL A 125 0.26 -6.00 -10.19
CA VAL A 125 1.26 -6.98 -10.63
C VAL A 125 0.62 -8.36 -10.57
N PRO A 126 1.18 -9.33 -11.29
CA PRO A 126 0.70 -10.70 -11.19
C PRO A 126 0.95 -11.26 -9.81
N TYR A 127 0.01 -12.06 -9.31
CA TYR A 127 0.29 -12.84 -8.13
C TYR A 127 1.21 -14.00 -8.47
N GLU A 128 2.28 -14.16 -7.70
CA GLU A 128 3.16 -15.31 -7.81
C GLU A 128 3.16 -16.09 -6.51
N PRO A 129 2.99 -17.40 -6.54
CA PRO A 129 3.02 -18.17 -5.30
C PRO A 129 4.39 -18.06 -4.66
N PRO A 130 4.46 -18.24 -3.34
CA PRO A 130 5.78 -18.27 -2.70
C PRO A 130 6.64 -19.36 -3.29
N GLU A 131 7.94 -19.11 -3.23
CA GLU A 131 8.89 -20.13 -3.60
C GLU A 131 8.82 -21.28 -2.59
N VAL A 132 9.26 -22.46 -3.06
CA VAL A 132 9.19 -23.68 -2.26
C VAL A 132 9.90 -23.46 -0.92
N GLY A 133 9.18 -23.77 0.17
CA GLY A 133 9.69 -23.58 1.50
C GLY A 133 9.35 -22.26 2.14
N SER A 134 8.95 -21.26 1.36
CA SER A 134 8.56 -19.95 1.85
C SER A 134 7.05 -19.88 2.02
N ASP A 135 6.61 -19.12 3.02
CA ASP A 135 5.19 -19.05 3.33
C ASP A 135 4.49 -17.81 2.79
N CYS A 136 5.22 -16.87 2.18
N CYS A 136 5.22 -16.89 2.16
N CYS A 136 5.22 -16.89 2.16
CA CYS A 136 4.60 -15.66 1.68
CA CYS A 136 4.61 -15.67 1.67
CA CYS A 136 4.63 -15.65 1.68
C CYS A 136 5.36 -15.14 0.46
C CYS A 136 5.35 -15.17 0.43
C CYS A 136 5.35 -15.18 0.42
N THR A 137 4.72 -14.21 -0.25
CA THR A 137 5.29 -13.53 -1.40
C THR A 137 5.42 -12.05 -1.04
N THR A 138 6.55 -11.44 -1.38
CA THR A 138 6.79 -10.03 -1.04
C THR A 138 6.73 -9.16 -2.27
N ILE A 139 6.04 -8.01 -2.14
N ILE A 139 6.05 -8.02 -2.15
CA ILE A 139 5.97 -6.99 -3.17
CA ILE A 139 5.99 -7.00 -3.20
C ILE A 139 6.66 -5.74 -2.64
C ILE A 139 6.65 -5.73 -2.66
N HIS A 140 7.50 -5.11 -3.47
CA HIS A 140 8.21 -3.90 -3.07
C HIS A 140 7.46 -2.69 -3.59
N TYR A 141 6.77 -2.00 -2.69
CA TYR A 141 6.06 -0.78 -3.04
C TYR A 141 6.94 0.44 -2.76
N ASN A 142 6.70 1.50 -3.52
CA ASN A 142 7.34 2.79 -3.33
C ASN A 142 6.26 3.85 -3.26
N TYR A 143 6.36 4.74 -2.27
CA TYR A 143 5.43 5.87 -2.13
C TYR A 143 6.17 7.15 -2.51
N MET A 144 5.69 7.83 -3.55
CA MET A 144 6.47 8.87 -4.19
C MET A 144 6.15 10.28 -3.70
N CYS A 145 5.41 10.43 -2.59
CA CYS A 145 5.20 11.71 -1.91
C CYS A 145 5.17 11.50 -0.41
N ASN A 146 5.53 12.53 0.33
CA ASN A 146 5.31 12.57 1.77
C ASN A 146 3.86 12.90 2.07
N ARG A 147 3.37 12.41 3.22
CA ARG A 147 2.03 12.79 3.64
C ARG A 147 1.89 14.31 3.69
N SER A 148 2.96 15.00 4.04
CA SER A 148 2.93 16.44 4.23
C SER A 148 2.99 17.24 2.93
N CYS A 149 3.10 16.61 1.76
CA CYS A 149 3.31 17.38 0.52
C CYS A 149 2.11 18.29 0.25
N MET A 150 2.38 19.58 0.08
CA MET A 150 1.32 20.52 -0.26
C MET A 150 0.86 20.29 -1.69
N GLY A 151 -0.46 20.32 -1.90
CA GLY A 151 -1.03 20.02 -3.19
C GLY A 151 -1.20 18.55 -3.47
N GLY A 152 -0.72 17.68 -2.60
CA GLY A 152 -1.02 16.26 -2.68
C GLY A 152 -1.77 15.82 -1.44
N MET A 153 -1.19 14.87 -0.68
CA MET A 153 -1.87 14.38 0.51
C MET A 153 -2.11 15.48 1.53
N ASN A 154 -1.27 16.52 1.54
CA ASN A 154 -1.51 17.76 2.29
C ASN A 154 -1.84 17.44 3.73
N ARG A 155 -1.04 16.52 4.25
CA ARG A 155 -1.07 16.03 5.62
C ARG A 155 -2.27 15.15 5.88
N ARG A 156 -2.98 14.71 4.90
CA ARG A 156 -4.14 13.87 5.25
C ARG A 156 -3.75 12.39 5.31
N PRO A 157 -4.15 11.63 6.34
CA PRO A 157 -3.81 10.20 6.38
C PRO A 157 -4.47 9.40 5.26
N ILE A 158 -3.80 8.32 4.87
CA ILE A 158 -4.24 7.49 3.76
C ILE A 158 -4.17 6.03 4.18
N LEU A 159 -5.02 5.23 3.55
CA LEU A 159 -4.92 3.77 3.58
C LEU A 159 -4.40 3.28 2.25
N THR A 160 -3.59 2.23 2.29
CA THR A 160 -3.33 1.42 1.10
C THR A 160 -4.24 0.21 1.15
N ILE A 161 -4.98 -0.03 0.07
CA ILE A 161 -5.86 -1.18 -0.05
C ILE A 161 -5.23 -2.16 -1.04
N ILE A 162 -4.96 -3.38 -0.58
CA ILE A 162 -4.41 -4.43 -1.43
C ILE A 162 -5.53 -5.42 -1.72
N THR A 163 -5.80 -5.67 -2.99
CA THR A 163 -6.83 -6.62 -3.39
C THR A 163 -6.21 -7.73 -4.22
N LEU A 164 -6.66 -8.95 -3.96
CA LEU A 164 -6.36 -10.12 -4.76
C LEU A 164 -7.53 -10.32 -5.71
N GLU A 165 -7.26 -10.35 -7.01
CA GLU A 165 -8.33 -10.41 -8.02
C GLU A 165 -8.01 -11.50 -9.03
N ASP A 166 -9.02 -12.24 -9.47
CA ASP A 166 -8.67 -13.21 -10.48
C ASP A 166 -8.68 -12.53 -11.85
N SER A 167 -8.26 -13.28 -12.87
CA SER A 167 -8.14 -12.68 -14.20
C SER A 167 -9.49 -12.20 -14.71
N SER A 168 -10.57 -12.84 -14.29
CA SER A 168 -11.91 -12.40 -14.68
C SER A 168 -12.36 -11.15 -13.96
N GLY A 169 -11.61 -10.71 -12.95
CA GLY A 169 -11.97 -9.54 -12.18
C GLY A 169 -12.72 -9.82 -10.90
N ASN A 170 -12.98 -11.09 -10.59
CA ASN A 170 -13.59 -11.43 -9.31
C ASN A 170 -12.70 -11.00 -8.17
N LEU A 171 -13.27 -10.32 -7.19
CA LEU A 171 -12.54 -10.01 -5.97
C LEU A 171 -12.32 -11.30 -5.18
N LEU A 172 -11.06 -11.65 -4.92
CA LEU A 172 -10.76 -12.83 -4.12
C LEU A 172 -10.43 -12.52 -2.67
N GLY A 173 -9.82 -11.36 -2.41
CA GLY A 173 -9.48 -10.96 -1.06
C GLY A 173 -9.16 -9.48 -1.01
N ARG A 174 -9.27 -8.90 0.18
CA ARG A 174 -8.95 -7.50 0.37
C ARG A 174 -8.39 -7.27 1.76
N ASN A 175 -7.35 -6.46 1.84
CA ASN A 175 -6.72 -6.09 3.10
C ASN A 175 -6.26 -4.65 2.98
N SER A 176 -6.02 -4.00 4.12
CA SER A 176 -5.58 -2.63 4.04
C SER A 176 -4.74 -2.28 5.26
N PHE A 177 -3.92 -1.24 5.11
CA PHE A 177 -3.13 -0.71 6.22
C PHE A 177 -3.01 0.79 6.03
N GLU A 178 -2.89 1.51 7.15
CA GLU A 178 -2.60 2.93 7.06
C GLU A 178 -1.14 3.11 6.68
N VAL A 179 -0.86 4.19 5.94
CA VAL A 179 0.51 4.52 5.55
C VAL A 179 0.76 5.98 5.90
N CYS A 180 1.89 6.24 6.53
CA CYS A 180 2.38 7.59 6.77
C CYS A 180 3.77 7.68 6.15
N VAL A 181 3.88 8.40 5.04
CA VAL A 181 5.17 8.68 4.42
C VAL A 181 5.73 9.92 5.10
N CYS A 182 6.84 9.78 5.82
CA CYS A 182 7.37 10.86 6.63
C CYS A 182 8.89 10.81 6.63
N ALA A 183 9.49 11.86 7.18
CA ALA A 183 10.94 11.95 7.17
C ALA A 183 11.56 10.96 8.15
N CYS A 184 10.91 10.71 9.28
N CYS A 184 10.93 10.72 9.29
CA CYS A 184 11.49 9.97 10.40
CA CYS A 184 11.51 9.95 10.40
C CYS A 184 10.50 8.93 10.88
C CYS A 184 10.50 8.92 10.88
N PRO A 185 10.36 7.80 10.15
CA PRO A 185 9.35 6.80 10.53
C PRO A 185 9.49 6.26 11.94
N GLY A 186 10.71 6.09 12.45
CA GLY A 186 10.88 5.56 13.79
C GLY A 186 10.38 6.50 14.86
N ARG A 187 10.69 7.80 14.72
CA ARG A 187 10.20 8.79 15.67
C ARG A 187 8.68 8.86 15.66
N ASP A 188 8.08 8.88 14.46
CA ASP A 188 6.65 9.11 14.38
C ASP A 188 5.86 7.90 14.86
N ARG A 189 6.37 6.69 14.65
CA ARG A 189 5.72 5.51 15.22
C ARG A 189 5.74 5.55 16.74
N ARG A 190 6.90 5.88 17.32
CA ARG A 190 7.04 5.95 18.77
C ARG A 190 6.07 6.97 19.36
N THR A 191 5.96 8.13 18.72
CA THR A 191 5.08 9.19 19.18
C THR A 191 3.60 8.78 19.12
N GLU A 192 3.18 8.21 17.99
CA GLU A 192 1.78 7.85 17.86
C GLU A 192 1.42 6.68 18.77
N GLU A 193 2.34 5.73 18.96
CA GLU A 193 2.06 4.62 19.86
C GLU A 193 2.02 5.09 21.30
N GLU A 194 2.92 5.99 21.68
CA GLU A 194 2.83 6.57 23.02
C GLU A 194 1.53 7.34 23.20
N ASN A 195 1.13 8.11 22.18
CA ASN A 195 -0.13 8.85 22.26
C ASN A 195 -1.32 7.90 22.36
N LEU A 196 -1.26 6.78 21.65
CA LEU A 196 -2.28 5.75 21.76
C LEU A 196 -2.40 5.26 23.20
N ARG A 197 -1.27 4.93 23.82
CA ARG A 197 -1.30 4.31 25.15
C ARG A 197 -1.85 5.28 26.20
N LYS A 198 -1.48 6.55 26.13
N LYS A 198 -1.49 6.56 26.10
CA LYS A 198 -1.84 7.46 27.21
CA LYS A 198 -1.79 7.50 27.16
C LYS A 198 -3.07 8.31 26.93
C LYS A 198 -3.06 8.30 26.92
N LYS A 199 -3.48 8.46 25.67
CA LYS A 199 -4.63 9.30 25.33
C LYS A 199 -5.71 8.60 24.52
N GLY A 200 -5.54 7.33 24.19
CA GLY A 200 -6.50 6.62 23.36
C GLY A 200 -7.70 6.03 24.10
ZN ZN C . 5.06 15.24 -3.17
C1 QNN D . 11.67 -0.83 5.75
C6 QNN D . 12.32 -4.07 7.45
C2 QNN D . 11.88 -2.27 5.88
C7 QNN D . 13.30 -1.86 7.79
C8 QNN D . 14.55 -2.33 7.06
C3 QNN D . 13.15 -2.56 5.09
C4 QNN D . 14.18 -3.31 5.96
C5 QNN D . 13.51 -4.53 6.59
N1 QNN D . 12.07 -2.60 7.32
O1 QNN D . 13.38 -2.16 3.95
C1 QN8 E . 6.86 -14.31 4.71
C2 QN8 E . 8.17 -15.06 4.61
C3 QN8 E . 9.15 -14.87 5.76
C4 QN8 E . 10.60 -14.81 5.26
C5 QN8 E . 10.77 -13.55 4.38
C6 QN8 E . 9.51 -13.52 3.44
C7 QN8 E . 9.81 -15.94 3.16
C8 QN8 E . 10.77 -16.02 4.35
N1 QN8 E . 8.78 -14.78 3.34
O1 QN8 E . 8.96 -14.76 6.94
C1 QNN F . 6.98 -14.40 4.62
C6 QNN F . 9.08 -14.16 6.41
C2 QNN F . 8.12 -15.30 4.49
C7 QNN F . 9.99 -16.38 5.76
C8 QNN F . 11.11 -15.72 4.92
C3 QNN F . 9.23 -14.71 3.60
C4 QNN F . 10.21 -14.57 4.70
C5 QNN F . 10.17 -13.41 5.59
N1 QNN F . 8.71 -15.53 5.86
O1 QNN F . 9.33 -14.50 2.41
C1 QNN G . 14.69 11.13 10.70
C6 QNN G . 16.46 13.40 8.40
C2 QNN G . 15.72 12.05 10.26
C7 QNN G . 15.56 11.16 8.07
C8 QNN G . 16.98 10.62 8.05
C3 QNN G . 17.00 11.26 10.37
C4 QNN G . 17.80 11.40 9.05
C5 QNN G . 17.88 12.86 8.64
N1 QNN G . 15.43 12.43 8.86
O1 QNN G . 17.31 10.56 11.32
C FMT H . 17.16 -4.91 4.39
O1 FMT H . 16.78 -5.96 4.87
O2 FMT H . 17.49 -3.91 5.03
C FMT I . -15.45 -14.68 -15.78
O1 FMT I . -16.45 -14.78 -15.11
O2 FMT I . -15.30 -13.97 -16.79
C FMT J . -16.09 17.02 1.67
O1 FMT J . -15.91 15.92 1.15
O2 FMT J . -15.82 17.24 2.84
#